data_1HWP
#
_entry.id   1HWP
#
_cell.length_a   74.230
_cell.length_b   74.230
_cell.length_c   190.980
_cell.angle_alpha   90.00
_cell.angle_beta   90.00
_cell.angle_gamma   120.00
#
_symmetry.space_group_name_H-M   'P 32 2 1'
#
loop_
_entity.id
_entity.type
_entity.pdbx_description
1 polymer EBULIN
2 polymer EBULIN
3 branched beta-D-galactopyranose-(1-4)-beta-D-glucopyranose
4 branched beta-D-mannopyranose-(1-4)-2-acetamido-2-deoxy-beta-D-glucopyranose-(1-4)-2-acetamido-2-deoxy-beta-D-glucopyranose
5 non-polymer 'PTEROIC ACID'
6 water water
#
loop_
_entity_poly.entity_id
_entity_poly.type
_entity_poly.pdbx_seq_one_letter_code
_entity_poly.pdbx_strand_id
1 'polypeptide(L)'
;IDYPSVSFNLAGAKSTTYRDFLKNLRDRVATGTYEVNGLPVLRRESEVQVKNRFVLVRLTNYNGDTVTSAVDVTNLYLVA
FSANGNSYFFKDATELQKSNLFLGTTQHTLSFTGNYDNLETAAGTRRESIELGPNPLDGAITSLWYDGGVARSLLVLIQM
VPEAARFRYIEQEVRRSLQQLTSFTPNALMLSMENNWSSMSLEVQLSGDNVSPFSGTVQLQNYDHTPRLVDNFEELYKIT
GIAILLFRCVATKT
;
A
2 'polypeptide(L)'
;DGETCAIPAPFTRRIVGRDGLCVDVRNGYDTDGTPIQLWPCGTQRNQQWTFYNDKTIRSMGKCMTANGLNSGSYIMITDC
STAAEDATKWEVLIDGSIINPSSGLVMTAPSGASRTTLLLENNIHAASQGWTVSNDVQPIATLIVGYNEMCLQANGENNN
VWMEDCDVTSVQQQWALFDDRTIRVNNSRGLCVTSNGYVSKDLIVIRKCQGLATQRWFFNSDGSVVNLKSTRVMDVKESD
VSLQEVIIFPATGNPNQQWRTQVPQI
;
B
#
# COMPACT_ATOMS: atom_id res chain seq x y z
N ILE A 1 -21.74 -8.00 26.50
CA ILE A 1 -20.49 -8.81 26.56
C ILE A 1 -19.28 -7.92 26.83
N ASP A 2 -18.25 -8.50 27.43
CA ASP A 2 -17.03 -7.75 27.74
C ASP A 2 -16.10 -7.72 26.54
N TYR A 3 -16.52 -7.04 25.47
CA TYR A 3 -15.72 -6.94 24.27
C TYR A 3 -14.30 -6.46 24.57
N PRO A 4 -13.30 -7.04 23.90
CA PRO A 4 -11.89 -6.65 24.14
C PRO A 4 -11.70 -5.16 23.84
N SER A 5 -10.59 -4.60 24.29
CA SER A 5 -10.33 -3.19 24.05
C SER A 5 -8.86 -2.81 24.06
N VAL A 6 -8.53 -1.75 23.33
CA VAL A 6 -7.17 -1.23 23.25
C VAL A 6 -7.19 0.19 23.78
N SER A 7 -6.08 0.64 24.36
CA SER A 7 -6.05 1.99 24.91
C SER A 7 -4.91 2.85 24.36
N PHE A 8 -5.03 4.16 24.57
CA PHE A 8 -4.03 5.11 24.11
C PHE A 8 -4.20 6.45 24.84
N ASN A 9 -3.30 6.73 25.78
CA ASN A 9 -3.34 7.96 26.54
C ASN A 9 -2.41 9.01 25.93
N LEU A 10 -2.98 10.13 25.51
CA LEU A 10 -2.20 11.20 24.91
C LEU A 10 -1.07 11.63 25.86
N ALA A 11 -1.38 11.64 27.15
CA ALA A 11 -0.41 12.03 28.17
C ALA A 11 0.77 11.06 28.17
N GLY A 12 1.98 11.61 28.04
CA GLY A 12 3.16 10.77 28.02
C GLY A 12 3.12 9.78 26.87
N ALA A 13 2.54 10.20 25.75
CA ALA A 13 2.44 9.34 24.57
C ALA A 13 3.45 9.73 23.51
N LYS A 14 4.20 8.73 23.04
CA LYS A 14 5.20 8.96 22.00
C LYS A 14 4.68 8.40 20.69
N SER A 15 5.30 8.80 19.58
CA SER A 15 4.88 8.33 18.26
C SER A 15 4.79 6.80 18.24
N THR A 16 5.73 6.16 18.92
CA THR A 16 5.75 4.70 18.99
C THR A 16 4.56 4.11 19.74
N THR A 17 4.14 4.77 20.81
CA THR A 17 3.00 4.32 21.60
C THR A 17 1.77 4.24 20.72
N TYR A 18 1.58 5.27 19.89
CA TYR A 18 0.45 5.34 18.98
C TYR A 18 0.55 4.24 17.93
N ARG A 19 1.70 4.13 17.30
CA ARG A 19 1.93 3.10 16.27
C ARG A 19 1.60 1.72 16.82
N ASP A 20 2.06 1.44 18.02
CA ASP A 20 1.80 0.15 18.66
C ASP A 20 0.32 -0.02 18.96
N PHE A 21 -0.31 1.05 19.43
CA PHE A 21 -1.73 1.02 19.75
C PHE A 21 -2.52 0.56 18.53
N LEU A 22 -2.29 1.22 17.41
CA LEU A 22 -2.98 0.89 16.15
C LEU A 22 -2.78 -0.57 15.79
N LYS A 23 -1.55 -1.05 15.92
CA LYS A 23 -1.23 -2.44 15.61
C LYS A 23 -2.18 -3.37 16.34
N ASN A 24 -2.24 -3.22 17.67
CA ASN A 24 -3.11 -4.04 18.50
C ASN A 24 -4.55 -4.05 17.98
N LEU A 25 -5.06 -2.87 17.67
CA LEU A 25 -6.42 -2.73 17.15
C LEU A 25 -6.58 -3.54 15.86
N ARG A 26 -5.51 -3.58 15.07
CA ARG A 26 -5.53 -4.33 13.82
C ARG A 26 -5.59 -5.83 14.11
N ASP A 27 -4.68 -6.29 14.97
CA ASP A 27 -4.62 -7.69 15.33
C ASP A 27 -5.99 -8.18 15.82
N ARG A 28 -6.81 -7.23 16.26
CA ARG A 28 -8.14 -7.55 16.77
C ARG A 28 -9.15 -7.74 15.64
N VAL A 29 -9.63 -6.62 15.09
CA VAL A 29 -10.60 -6.66 14.01
C VAL A 29 -10.16 -7.49 12.81
N ALA A 30 -8.85 -7.52 12.56
CA ALA A 30 -8.30 -8.26 11.43
C ALA A 30 -7.87 -9.68 11.77
N THR A 31 -8.75 -10.63 11.50
CA THR A 31 -8.48 -12.04 11.75
C THR A 31 -9.18 -12.84 10.66
N GLY A 32 -8.87 -14.12 10.56
CA GLY A 32 -9.48 -14.93 9.52
C GLY A 32 -8.53 -14.96 8.33
N THR A 33 -8.02 -16.15 8.03
CA THR A 33 -7.08 -16.34 6.94
C THR A 33 -7.38 -15.65 5.61
N TYR A 34 -8.65 -15.35 5.33
CA TYR A 34 -8.97 -14.69 4.08
C TYR A 34 -8.20 -13.37 3.96
N GLU A 35 -7.22 -13.35 3.07
CA GLU A 35 -6.40 -12.17 2.86
C GLU A 35 -5.64 -12.27 1.54
N VAL A 36 -5.52 -11.15 0.83
CA VAL A 36 -4.81 -11.13 -0.44
C VAL A 36 -3.54 -10.27 -0.37
N ASN A 37 -2.47 -10.76 -0.99
CA ASN A 37 -1.20 -10.05 -1.03
C ASN A 37 -0.66 -9.72 0.37
N GLY A 38 -1.11 -10.46 1.37
CA GLY A 38 -0.65 -10.22 2.72
C GLY A 38 -1.61 -9.41 3.56
N LEU A 39 -2.40 -8.56 2.92
CA LEU A 39 -3.37 -7.73 3.63
C LEU A 39 -4.64 -8.52 3.96
N PRO A 40 -5.10 -8.44 5.21
CA PRO A 40 -6.31 -9.16 5.63
C PRO A 40 -7.61 -8.55 5.12
N VAL A 41 -8.67 -9.34 5.15
CA VAL A 41 -9.98 -8.90 4.70
C VAL A 41 -10.97 -9.01 5.86
N LEU A 42 -11.36 -7.86 6.40
CA LEU A 42 -12.29 -7.81 7.52
C LEU A 42 -13.51 -8.71 7.29
N ARG A 43 -13.77 -9.60 8.24
CA ARG A 43 -14.88 -10.54 8.17
C ARG A 43 -16.19 -9.86 7.77
N ARG A 44 -17.18 -10.67 7.43
CA ARG A 44 -18.49 -10.16 7.05
C ARG A 44 -19.56 -10.63 8.02
N GLU A 45 -20.65 -9.87 8.09
CA GLU A 45 -21.77 -10.17 8.97
C GLU A 45 -21.96 -11.65 9.28
N SER A 46 -22.13 -12.46 8.25
CA SER A 46 -22.34 -13.90 8.41
C SER A 46 -21.21 -14.61 9.16
N GLU A 47 -19.97 -14.25 8.87
CA GLU A 47 -18.82 -14.88 9.52
C GLU A 47 -18.27 -14.07 10.69
N VAL A 48 -19.12 -13.76 11.65
CA VAL A 48 -18.72 -13.01 12.84
C VAL A 48 -19.84 -13.01 13.87
N GLN A 49 -19.57 -13.58 15.04
CA GLN A 49 -20.56 -13.66 16.10
C GLN A 49 -20.68 -12.34 16.86
N VAL A 50 -21.80 -12.17 17.55
CA VAL A 50 -22.06 -10.96 18.32
C VAL A 50 -21.09 -10.85 19.49
N LYS A 51 -20.58 -11.99 19.94
CA LYS A 51 -19.64 -12.03 21.06
C LYS A 51 -18.29 -11.44 20.64
N ASN A 52 -18.12 -11.25 19.34
CA ASN A 52 -16.88 -10.69 18.81
C ASN A 52 -17.19 -9.67 17.72
N ARG A 53 -18.39 -9.12 17.76
CA ARG A 53 -18.84 -8.15 16.76
C ARG A 53 -18.28 -6.75 16.99
N PHE A 54 -17.86 -6.45 18.20
CA PHE A 54 -17.34 -5.12 18.50
C PHE A 54 -16.05 -5.11 19.31
N VAL A 55 -15.24 -4.09 19.07
CA VAL A 55 -13.98 -3.89 19.77
C VAL A 55 -14.04 -2.48 20.36
N LEU A 56 -13.58 -2.32 21.59
CA LEU A 56 -13.63 -1.00 22.23
C LEU A 56 -12.29 -0.26 22.19
N VAL A 57 -12.38 1.06 21.99
CA VAL A 57 -11.19 1.90 21.93
C VAL A 57 -11.17 2.89 23.08
N ARG A 58 -10.27 2.67 24.04
CA ARG A 58 -10.15 3.53 25.20
C ARG A 58 -9.12 4.64 24.96
N LEU A 59 -9.60 5.85 24.71
CA LEU A 59 -8.71 6.98 24.47
C LEU A 59 -8.70 7.94 25.66
N THR A 60 -7.54 8.08 26.29
CA THR A 60 -7.40 8.96 27.44
C THR A 60 -6.79 10.29 27.04
N ASN A 61 -7.51 11.37 27.32
CA ASN A 61 -7.04 12.71 26.99
C ASN A 61 -5.96 13.14 27.99
N TYR A 62 -5.24 14.21 27.66
CA TYR A 62 -4.18 14.73 28.52
C TYR A 62 -4.61 14.78 29.98
N ASN A 63 -5.70 15.50 30.25
CA ASN A 63 -6.23 15.67 31.60
C ASN A 63 -6.66 14.37 32.27
N GLY A 64 -6.48 13.24 31.59
CA GLY A 64 -6.85 11.97 32.17
C GLY A 64 -8.25 11.50 31.77
N ASP A 65 -9.14 12.45 31.49
CA ASP A 65 -10.50 12.12 31.09
C ASP A 65 -10.46 11.25 29.83
N THR A 66 -10.73 9.96 30.01
CA THR A 66 -10.70 9.01 28.90
C THR A 66 -12.08 8.64 28.37
N VAL A 67 -12.24 8.73 27.05
CA VAL A 67 -13.48 8.41 26.39
C VAL A 67 -13.28 7.11 25.60
N THR A 68 -14.33 6.30 25.52
CA THR A 68 -14.24 5.02 24.81
C THR A 68 -15.25 4.90 23.68
N SER A 69 -14.77 4.48 22.51
CA SER A 69 -15.64 4.30 21.35
C SER A 69 -15.49 2.89 20.79
N ALA A 70 -16.62 2.23 20.57
CA ALA A 70 -16.63 0.87 20.04
C ALA A 70 -16.59 0.83 18.51
N VAL A 71 -15.69 0.02 17.97
CA VAL A 71 -15.54 -0.14 16.53
C VAL A 71 -16.17 -1.44 16.05
N ASP A 72 -16.72 -1.42 14.84
CA ASP A 72 -17.36 -2.59 14.25
C ASP A 72 -16.33 -3.46 13.55
N VAL A 73 -16.03 -4.60 14.16
CA VAL A 73 -15.03 -5.52 13.63
C VAL A 73 -15.19 -5.85 12.15
N THR A 74 -16.40 -5.66 11.62
CA THR A 74 -16.67 -5.97 10.23
C THR A 74 -16.43 -4.81 9.26
N ASN A 75 -15.70 -3.79 9.70
CA ASN A 75 -15.43 -2.64 8.85
C ASN A 75 -14.58 -1.57 9.53
N LEU A 76 -14.25 -1.79 10.81
CA LEU A 76 -13.46 -0.83 11.56
C LEU A 76 -14.21 0.49 11.71
N TYR A 77 -15.52 0.41 11.91
CA TYR A 77 -16.38 1.58 12.06
C TYR A 77 -16.55 2.00 13.50
N LEU A 78 -16.68 3.30 13.74
CA LEU A 78 -16.89 3.81 15.08
C LEU A 78 -18.37 3.68 15.39
N VAL A 79 -18.78 2.47 15.77
CA VAL A 79 -20.19 2.19 16.08
C VAL A 79 -20.81 3.14 17.11
N ALA A 80 -20.08 3.43 18.18
CA ALA A 80 -20.59 4.32 19.22
C ALA A 80 -19.51 4.65 20.24
N PHE A 81 -19.87 5.48 21.22
CA PHE A 81 -18.94 5.87 22.26
C PHE A 81 -19.69 6.17 23.56
N SER A 82 -18.98 6.15 24.68
CA SER A 82 -19.61 6.41 25.97
C SER A 82 -18.73 7.24 26.90
N ALA A 83 -19.36 8.12 27.67
CA ALA A 83 -18.67 8.98 28.62
C ALA A 83 -19.45 9.09 29.92
N ASN A 84 -18.85 8.61 31.00
CA ASN A 84 -19.47 8.65 32.33
C ASN A 84 -20.96 8.31 32.31
N GLY A 85 -21.27 7.03 32.43
CA GLY A 85 -22.67 6.59 32.45
C GLY A 85 -23.51 7.14 31.30
N ASN A 86 -22.86 7.42 30.17
CA ASN A 86 -23.56 7.94 29.01
C ASN A 86 -23.11 7.23 27.74
N SER A 87 -24.06 6.89 26.88
CA SER A 87 -23.74 6.21 25.63
C SER A 87 -24.51 6.85 24.49
N TYR A 88 -23.88 6.95 23.32
CA TYR A 88 -24.53 7.56 22.17
C TYR A 88 -24.39 6.70 20.90
N PHE A 89 -25.46 6.66 20.11
CA PHE A 89 -25.47 5.89 18.87
C PHE A 89 -26.02 6.77 17.75
N PHE A 90 -25.44 6.66 16.56
CA PHE A 90 -25.88 7.46 15.42
C PHE A 90 -27.36 7.24 15.10
N LYS A 91 -27.90 8.10 14.25
CA LYS A 91 -29.31 8.01 13.85
C LYS A 91 -29.64 6.57 13.46
N ASP A 92 -28.65 5.89 12.88
CA ASP A 92 -28.82 4.50 12.47
C ASP A 92 -29.06 3.67 13.73
N ALA A 93 -27.96 3.26 14.37
CA ALA A 93 -28.04 2.48 15.59
C ALA A 93 -28.91 1.24 15.45
N THR A 94 -28.27 0.10 15.25
CA THR A 94 -29.00 -1.16 15.12
C THR A 94 -29.23 -1.76 16.49
N GLU A 95 -30.20 -2.66 16.60
CA GLU A 95 -30.51 -3.29 17.87
C GLU A 95 -29.31 -4.06 18.40
N LEU A 96 -28.47 -4.55 17.48
CA LEU A 96 -27.29 -5.31 17.85
C LEU A 96 -26.38 -4.48 18.75
N GLN A 97 -26.05 -3.27 18.31
CA GLN A 97 -25.20 -2.39 19.10
C GLN A 97 -25.96 -1.80 20.27
N LYS A 98 -27.16 -1.28 19.99
CA LYS A 98 -28.00 -0.68 21.01
C LYS A 98 -28.31 -1.63 22.16
N SER A 99 -28.12 -2.93 21.94
CA SER A 99 -28.39 -3.93 22.95
C SER A 99 -27.16 -4.77 23.29
N ASN A 100 -25.99 -4.15 23.23
CA ASN A 100 -24.76 -4.88 23.54
C ASN A 100 -23.58 -3.96 23.82
N LEU A 101 -23.74 -2.67 23.53
CA LEU A 101 -22.67 -1.71 23.75
C LEU A 101 -22.93 -0.77 24.93
N PHE A 102 -21.99 -0.76 25.88
CA PHE A 102 -22.10 0.08 27.06
C PHE A 102 -23.43 -0.09 27.79
N LEU A 103 -23.77 -1.34 28.09
CA LEU A 103 -25.01 -1.65 28.80
C LEU A 103 -24.93 -1.16 30.24
N GLY A 104 -25.82 -0.24 30.59
CA GLY A 104 -25.83 0.30 31.93
C GLY A 104 -25.89 1.81 31.93
N THR A 105 -25.44 2.40 30.82
CA THR A 105 -25.43 3.85 30.68
C THR A 105 -26.75 4.32 30.09
N THR A 106 -26.83 5.62 29.76
CA THR A 106 -28.04 6.18 29.18
C THR A 106 -27.96 6.05 27.66
N GLN A 107 -28.89 5.30 27.09
CA GLN A 107 -28.91 5.05 25.66
C GLN A 107 -29.62 6.10 24.81
N HIS A 108 -29.03 7.29 24.69
CA HIS A 108 -29.64 8.33 23.87
C HIS A 108 -28.91 8.40 22.53
N THR A 109 -29.62 8.07 21.46
CA THR A 109 -29.04 8.09 20.12
C THR A 109 -28.96 9.51 19.55
N LEU A 110 -27.83 9.82 18.92
CA LEU A 110 -27.58 11.12 18.32
C LEU A 110 -28.62 11.41 17.22
N SER A 111 -28.27 12.28 16.28
CA SER A 111 -29.20 12.61 15.21
C SER A 111 -28.55 12.68 13.83
N PHE A 112 -27.53 11.88 13.60
CA PHE A 112 -26.83 11.85 12.32
C PHE A 112 -25.96 10.61 12.20
N THR A 113 -26.12 9.89 11.10
CA THR A 113 -25.35 8.67 10.86
C THR A 113 -23.85 8.92 10.85
N GLY A 114 -23.08 7.83 10.94
CA GLY A 114 -21.63 7.94 10.94
C GLY A 114 -21.03 8.30 9.60
N ASN A 115 -21.84 8.25 8.55
CA ASN A 115 -21.37 8.59 7.21
C ASN A 115 -20.60 9.90 7.24
N TYR A 116 -19.40 9.90 6.66
CA TYR A 116 -18.57 11.10 6.63
C TYR A 116 -19.38 12.34 6.31
N ASP A 117 -20.02 12.34 5.14
CA ASP A 117 -20.83 13.46 4.72
C ASP A 117 -21.80 13.87 5.83
N ASN A 118 -22.42 12.88 6.46
CA ASN A 118 -23.37 13.12 7.53
C ASN A 118 -22.74 13.91 8.67
N LEU A 119 -21.50 13.56 9.02
CA LEU A 119 -20.79 14.25 10.08
C LEU A 119 -20.40 15.67 9.67
N GLU A 120 -19.70 15.77 8.53
CA GLU A 120 -19.29 17.08 8.02
C GLU A 120 -20.46 18.03 7.96
N THR A 121 -21.60 17.52 7.54
CA THR A 121 -22.81 18.31 7.42
C THR A 121 -23.37 18.72 8.79
N ALA A 122 -23.11 17.91 9.80
CA ALA A 122 -23.57 18.18 11.15
C ALA A 122 -22.57 19.02 11.94
N ALA A 123 -21.31 18.96 11.53
CA ALA A 123 -20.25 19.71 12.19
C ALA A 123 -20.13 21.11 11.59
N GLY A 124 -20.81 21.33 10.46
CA GLY A 124 -20.77 22.62 9.81
C GLY A 124 -19.47 22.87 9.06
N THR A 125 -18.64 21.83 8.97
CA THR A 125 -17.35 21.92 8.30
C THR A 125 -16.99 20.60 7.63
N ARG A 126 -16.09 20.65 6.65
CA ARG A 126 -15.66 19.46 5.94
C ARG A 126 -14.30 19.00 6.44
N ARG A 127 -14.04 17.70 6.33
CA ARG A 127 -12.78 17.11 6.78
C ARG A 127 -11.56 17.95 6.40
N GLU A 128 -11.60 18.54 5.21
CA GLU A 128 -10.50 19.35 4.70
C GLU A 128 -10.08 20.47 5.64
N SER A 129 -10.87 20.72 6.67
CA SER A 129 -10.55 21.78 7.62
C SER A 129 -10.96 21.46 9.05
N ILE A 130 -10.53 20.30 9.55
CA ILE A 130 -10.84 19.88 10.92
C ILE A 130 -9.56 19.36 11.56
N GLU A 131 -8.45 20.02 11.24
CA GLU A 131 -7.12 19.69 11.74
C GLU A 131 -7.03 18.62 12.82
N LEU A 132 -6.27 17.57 12.53
CA LEU A 132 -6.07 16.47 13.46
C LEU A 132 -4.66 16.56 14.05
N GLY A 133 -4.45 15.92 15.19
CA GLY A 133 -3.15 15.96 15.83
C GLY A 133 -3.20 15.65 17.32
N PRO A 134 -2.09 15.86 18.05
CA PRO A 134 -2.05 15.58 19.50
C PRO A 134 -3.05 16.43 20.27
N ASN A 135 -2.97 17.74 20.09
CA ASN A 135 -3.88 18.66 20.76
C ASN A 135 -5.30 18.48 20.24
N PRO A 136 -5.49 18.48 18.91
CA PRO A 136 -6.84 18.30 18.36
C PRO A 136 -7.51 17.05 18.91
N LEU A 137 -6.70 16.05 19.26
CA LEU A 137 -7.22 14.81 19.83
C LEU A 137 -7.72 15.07 21.23
N ASP A 138 -6.96 15.84 22.00
CA ASP A 138 -7.33 16.17 23.37
C ASP A 138 -8.68 16.89 23.37
N GLY A 139 -8.79 17.93 22.55
CA GLY A 139 -10.03 18.68 22.47
C GLY A 139 -11.19 17.80 22.02
N ALA A 140 -10.88 16.82 21.16
CA ALA A 140 -11.89 15.89 20.68
C ALA A 140 -12.45 15.11 21.85
N ILE A 141 -11.62 14.27 22.44
CA ILE A 141 -12.03 13.46 23.58
C ILE A 141 -12.77 14.34 24.59
N THR A 142 -12.17 15.49 24.89
CA THR A 142 -12.75 16.44 25.84
C THR A 142 -14.18 16.82 25.46
N SER A 143 -14.37 17.24 24.22
CA SER A 143 -15.69 17.64 23.74
C SER A 143 -16.69 16.50 23.80
N LEU A 144 -16.23 15.29 23.48
CA LEU A 144 -17.10 14.12 23.51
C LEU A 144 -17.41 13.78 24.96
N TRP A 145 -16.43 13.98 25.82
CA TRP A 145 -16.55 13.71 27.24
C TRP A 145 -17.55 14.64 27.92
N TYR A 146 -17.28 15.94 27.87
CA TYR A 146 -18.15 16.93 28.48
C TYR A 146 -19.35 17.34 27.62
N ASP A 147 -19.06 18.09 26.56
CA ASP A 147 -20.10 18.58 25.65
C ASP A 147 -21.11 17.55 25.12
N GLY A 148 -20.93 16.29 25.51
CA GLY A 148 -21.84 15.26 25.06
C GLY A 148 -21.37 14.48 23.86
N GLY A 149 -20.46 15.05 23.07
CA GLY A 149 -19.98 14.35 21.89
C GLY A 149 -20.61 14.82 20.60
N VAL A 150 -20.11 15.92 20.07
CA VAL A 150 -20.62 16.48 18.83
C VAL A 150 -19.97 15.80 17.62
N ALA A 151 -20.38 16.22 16.42
CA ALA A 151 -19.83 15.66 15.19
C ALA A 151 -18.34 15.94 15.01
N ARG A 152 -17.98 17.22 14.92
CA ARG A 152 -16.59 17.63 14.73
C ARG A 152 -15.59 16.76 15.51
N SER A 153 -15.82 16.60 16.80
CA SER A 153 -14.94 15.81 17.65
C SER A 153 -14.86 14.37 17.13
N LEU A 154 -16.01 13.83 16.75
CA LEU A 154 -16.07 12.46 16.24
C LEU A 154 -15.27 12.35 14.95
N LEU A 155 -15.41 13.36 14.08
CA LEU A 155 -14.69 13.37 12.81
C LEU A 155 -13.18 13.36 13.06
N VAL A 156 -12.76 13.98 14.15
CA VAL A 156 -11.35 14.03 14.50
C VAL A 156 -10.86 12.66 14.93
N LEU A 157 -11.73 11.88 15.58
CA LEU A 157 -11.39 10.55 16.05
C LEU A 157 -11.37 9.53 14.92
N ILE A 158 -12.47 9.47 14.17
CA ILE A 158 -12.62 8.56 13.06
C ILE A 158 -11.37 8.41 12.19
N GLN A 159 -10.77 9.52 11.81
CA GLN A 159 -9.58 9.50 10.97
C GLN A 159 -8.34 9.10 11.76
N MET A 160 -8.21 9.63 12.97
CA MET A 160 -7.06 9.35 13.82
C MET A 160 -6.90 7.88 14.19
N VAL A 161 -8.00 7.12 14.17
CA VAL A 161 -7.91 5.71 14.50
C VAL A 161 -8.33 4.78 13.36
N PRO A 162 -9.63 4.65 13.07
CA PRO A 162 -9.99 3.74 11.97
C PRO A 162 -9.21 4.00 10.68
N GLU A 163 -9.22 5.24 10.23
CA GLU A 163 -8.50 5.61 9.01
C GLU A 163 -7.04 5.18 9.08
N ALA A 164 -6.37 5.56 10.16
CA ALA A 164 -4.97 5.22 10.35
C ALA A 164 -4.79 3.72 10.54
N ALA A 165 -5.87 3.04 10.90
CA ALA A 165 -5.83 1.61 11.10
C ALA A 165 -5.74 0.89 9.76
N ARG A 166 -6.36 1.45 8.74
CA ARG A 166 -6.34 0.84 7.42
C ARG A 166 -5.36 1.54 6.47
N PHE A 167 -4.97 2.76 6.82
CA PHE A 167 -4.04 3.51 6.00
C PHE A 167 -2.81 3.95 6.79
N ARG A 168 -1.68 3.32 6.49
CA ARG A 168 -0.42 3.62 7.18
C ARG A 168 0.08 5.01 6.81
N TYR A 169 -0.44 5.55 5.71
CA TYR A 169 -0.06 6.89 5.28
C TYR A 169 -0.57 7.85 6.35
N ILE A 170 -1.83 7.67 6.72
CA ILE A 170 -2.46 8.49 7.74
C ILE A 170 -1.78 8.20 9.08
N GLU A 171 -1.33 6.96 9.24
CA GLU A 171 -0.66 6.55 10.46
C GLU A 171 0.55 7.44 10.68
N GLN A 172 1.46 7.43 9.71
CA GLN A 172 2.67 8.22 9.77
C GLN A 172 2.36 9.72 9.83
N GLU A 173 1.28 10.12 9.18
CA GLU A 173 0.88 11.53 9.17
C GLU A 173 0.57 11.98 10.60
N VAL A 174 0.02 11.05 11.38
CA VAL A 174 -0.32 11.34 12.77
C VAL A 174 0.94 11.13 13.61
N ARG A 175 1.69 10.09 13.30
CA ARG A 175 2.91 9.76 14.02
C ARG A 175 3.87 10.94 14.02
N ARG A 176 3.94 11.66 12.90
CA ARG A 176 4.81 12.82 12.79
C ARG A 176 4.16 13.98 13.53
N SER A 177 2.83 13.96 13.56
CA SER A 177 2.06 15.00 14.24
C SER A 177 2.38 15.00 15.73
N LEU A 178 2.37 13.82 16.35
CA LEU A 178 2.67 13.72 17.78
C LEU A 178 4.16 13.89 18.01
N GLN A 179 4.95 13.44 17.03
CA GLN A 179 6.41 13.52 17.11
C GLN A 179 6.86 14.97 17.19
N GLN A 180 6.23 15.81 16.37
CA GLN A 180 6.55 17.23 16.32
C GLN A 180 5.55 18.04 17.14
N LEU A 181 4.64 17.34 17.79
CA LEU A 181 3.62 17.97 18.61
C LEU A 181 2.93 19.10 17.86
N THR A 182 2.63 18.85 16.58
CA THR A 182 1.98 19.85 15.75
C THR A 182 0.79 19.25 15.01
N SER A 183 -0.25 20.06 14.81
CA SER A 183 -1.45 19.62 14.13
C SER A 183 -1.28 19.56 12.62
N PHE A 184 -2.37 19.30 11.91
CA PHE A 184 -2.36 19.21 10.46
C PHE A 184 -3.78 18.94 9.95
N THR A 185 -4.02 19.26 8.69
CA THR A 185 -5.34 19.03 8.09
C THR A 185 -5.20 18.03 6.94
N PRO A 186 -6.20 17.17 6.75
CA PRO A 186 -6.15 16.18 5.68
C PRO A 186 -5.94 16.83 4.31
N ASN A 187 -5.06 16.25 3.51
CA ASN A 187 -4.77 16.77 2.17
C ASN A 187 -5.64 16.05 1.15
N ALA A 188 -5.56 16.48 -0.11
CA ALA A 188 -6.34 15.87 -1.18
C ALA A 188 -6.15 14.36 -1.22
N LEU A 189 -4.90 13.94 -1.09
CA LEU A 189 -4.58 12.51 -1.11
C LEU A 189 -5.27 11.76 0.02
N MET A 190 -4.84 12.04 1.26
CA MET A 190 -5.40 11.40 2.44
C MET A 190 -6.92 11.33 2.37
N LEU A 191 -7.54 12.42 1.98
CA LEU A 191 -9.00 12.48 1.87
C LEU A 191 -9.49 11.58 0.73
N SER A 192 -8.72 11.51 -0.35
CA SER A 192 -9.10 10.69 -1.50
C SER A 192 -9.10 9.22 -1.14
N MET A 193 -7.97 8.72 -0.67
CA MET A 193 -7.86 7.31 -0.28
C MET A 193 -8.85 7.02 0.83
N GLU A 194 -9.27 8.07 1.53
CA GLU A 194 -10.22 7.96 2.61
C GLU A 194 -11.58 7.60 2.04
N ASN A 195 -11.87 8.13 0.86
CA ASN A 195 -13.14 7.88 0.18
C ASN A 195 -13.10 6.66 -0.74
N ASN A 196 -11.89 6.20 -1.06
CA ASN A 196 -11.74 5.06 -1.95
C ASN A 196 -11.38 3.74 -1.28
N TRP A 197 -11.81 3.53 -0.04
CA TRP A 197 -11.50 2.28 0.65
C TRP A 197 -12.27 1.12 0.01
N SER A 198 -13.55 1.33 -0.26
CA SER A 198 -14.38 0.30 -0.87
C SER A 198 -13.90 -0.03 -2.27
N SER A 199 -13.74 0.99 -3.09
CA SER A 199 -13.29 0.79 -4.46
C SER A 199 -11.99 0.00 -4.49
N MET A 200 -10.90 0.63 -4.05
CA MET A 200 -9.60 -0.02 -4.02
C MET A 200 -9.68 -1.38 -3.35
N SER A 201 -10.69 -1.57 -2.50
CA SER A 201 -10.88 -2.83 -1.81
C SER A 201 -11.18 -3.95 -2.79
N LEU A 202 -12.29 -3.81 -3.52
CA LEU A 202 -12.65 -4.84 -4.50
C LEU A 202 -11.67 -4.91 -5.66
N GLU A 203 -11.04 -3.78 -5.98
CA GLU A 203 -10.09 -3.74 -7.09
C GLU A 203 -8.95 -4.71 -6.81
N VAL A 204 -8.59 -4.83 -5.54
CA VAL A 204 -7.52 -5.73 -5.15
C VAL A 204 -8.05 -7.16 -5.03
N GLN A 205 -9.32 -7.30 -4.66
CA GLN A 205 -9.93 -8.61 -4.53
C GLN A 205 -10.17 -9.20 -5.92
N LEU A 206 -10.36 -8.31 -6.89
CA LEU A 206 -10.59 -8.72 -8.27
C LEU A 206 -9.34 -9.37 -8.83
N SER A 207 -8.25 -8.62 -8.85
CA SER A 207 -6.97 -9.13 -9.34
C SER A 207 -6.63 -10.43 -8.62
N GLY A 208 -6.80 -10.44 -7.31
CA GLY A 208 -6.51 -11.63 -6.53
C GLY A 208 -5.15 -11.64 -5.88
N ASP A 209 -4.85 -12.72 -5.18
CA ASP A 209 -3.57 -12.87 -4.48
C ASP A 209 -2.40 -12.97 -5.45
N ASN A 210 -1.32 -12.27 -5.11
CA ASN A 210 -0.11 -12.26 -5.93
C ASN A 210 -0.29 -11.68 -7.33
N VAL A 211 -1.37 -10.91 -7.52
CA VAL A 211 -1.62 -10.29 -8.81
C VAL A 211 -1.42 -8.78 -8.68
N SER A 212 -0.56 -8.23 -9.53
CA SER A 212 -0.24 -6.80 -9.48
C SER A 212 -1.24 -5.85 -10.15
N PRO A 213 -1.47 -5.99 -11.48
CA PRO A 213 -2.40 -5.09 -12.15
C PRO A 213 -3.84 -5.19 -11.64
N PHE A 214 -4.59 -4.11 -11.82
CA PHE A 214 -5.99 -4.04 -11.40
C PHE A 214 -6.88 -4.15 -12.63
N SER A 215 -8.03 -4.82 -12.49
CA SER A 215 -8.95 -4.96 -13.61
C SER A 215 -9.45 -3.57 -13.98
N GLY A 216 -9.38 -2.66 -13.02
CA GLY A 216 -9.82 -1.30 -13.25
C GLY A 216 -8.77 -0.32 -12.76
N THR A 217 -9.21 0.79 -12.17
CA THR A 217 -8.29 1.80 -11.65
C THR A 217 -8.86 2.51 -10.43
N VAL A 218 -7.98 2.89 -9.51
CA VAL A 218 -8.39 3.57 -8.29
C VAL A 218 -8.26 5.08 -8.50
N GLN A 219 -9.35 5.81 -8.27
CA GLN A 219 -9.35 7.26 -8.46
C GLN A 219 -8.88 8.03 -7.23
N LEU A 220 -7.57 8.16 -7.08
CA LEU A 220 -6.99 8.90 -5.96
C LEU A 220 -6.75 10.33 -6.43
N GLN A 221 -6.14 11.15 -5.59
CA GLN A 221 -5.87 12.53 -5.97
C GLN A 221 -4.58 13.08 -5.36
N ASN A 222 -3.92 13.97 -6.11
CA ASN A 222 -2.69 14.60 -5.64
C ASN A 222 -3.07 15.87 -4.89
N TYR A 223 -2.10 16.47 -4.22
CA TYR A 223 -2.36 17.69 -3.46
C TYR A 223 -2.97 18.78 -4.33
N ASP A 224 -2.43 18.96 -5.53
CA ASP A 224 -2.92 19.98 -6.46
C ASP A 224 -4.36 19.71 -6.88
N HIS A 225 -4.87 18.56 -6.47
CA HIS A 225 -6.23 18.11 -6.77
C HIS A 225 -6.35 17.29 -8.05
N THR A 226 -5.27 17.28 -8.84
CA THR A 226 -5.27 16.50 -10.08
C THR A 226 -5.46 15.02 -9.75
N PRO A 227 -6.12 14.28 -10.65
CA PRO A 227 -6.38 12.85 -10.43
C PRO A 227 -5.15 11.96 -10.47
N ARG A 228 -5.02 11.10 -9.48
CA ARG A 228 -3.90 10.16 -9.39
C ARG A 228 -4.50 8.76 -9.48
N LEU A 229 -4.57 8.23 -10.69
CA LEU A 229 -5.14 6.90 -10.90
C LEU A 229 -4.11 5.78 -10.86
N VAL A 230 -4.22 4.93 -9.85
CA VAL A 230 -3.31 3.79 -9.70
C VAL A 230 -4.00 2.57 -10.30
N ASP A 231 -3.27 1.87 -11.17
CA ASP A 231 -3.82 0.68 -11.83
C ASP A 231 -3.20 -0.61 -11.32
N ASN A 232 -2.19 -0.49 -10.45
CA ASN A 232 -1.54 -1.68 -9.90
C ASN A 232 -1.51 -1.63 -8.38
N PHE A 233 -1.35 -2.79 -7.76
CA PHE A 233 -1.31 -2.89 -6.31
C PHE A 233 -0.05 -2.24 -5.73
N GLU A 234 1.09 -2.56 -6.33
CA GLU A 234 2.36 -2.00 -5.87
C GLU A 234 2.25 -0.50 -5.66
N GLU A 235 1.57 0.17 -6.59
CA GLU A 235 1.38 1.61 -6.50
C GLU A 235 0.48 1.95 -5.33
N LEU A 236 -0.67 1.29 -5.27
CA LEU A 236 -1.64 1.51 -4.20
C LEU A 236 -1.00 1.40 -2.82
N TYR A 237 -0.12 0.42 -2.65
CA TYR A 237 0.54 0.22 -1.37
C TYR A 237 1.58 1.29 -1.09
N LYS A 238 2.51 1.48 -2.02
CA LYS A 238 3.57 2.46 -1.86
C LYS A 238 3.04 3.88 -1.67
N ILE A 239 1.74 4.08 -1.83
CA ILE A 239 1.16 5.41 -1.68
C ILE A 239 0.19 5.48 -0.50
N THR A 240 -0.83 4.62 -0.52
CA THR A 240 -1.83 4.61 0.55
C THR A 240 -1.37 3.84 1.78
N GLY A 241 -0.32 3.05 1.63
CA GLY A 241 0.17 2.25 2.75
C GLY A 241 -0.96 1.47 3.40
N ILE A 242 -1.92 1.06 2.58
CA ILE A 242 -3.07 0.29 3.06
C ILE A 242 -2.62 -0.94 3.85
N ALA A 243 -3.32 -1.22 4.94
CA ALA A 243 -3.00 -2.37 5.78
C ALA A 243 -4.25 -3.19 6.13
N ILE A 244 -5.40 -2.73 5.66
CA ILE A 244 -6.66 -3.42 5.93
C ILE A 244 -7.61 -3.34 4.73
N LEU A 245 -8.07 -4.50 4.29
CA LEU A 245 -8.98 -4.57 3.16
C LEU A 245 -10.40 -4.86 3.61
N LEU A 246 -11.37 -4.27 2.92
CA LEU A 246 -12.78 -4.47 3.25
C LEU A 246 -13.35 -5.52 2.30
N PHE A 247 -14.20 -6.40 2.83
CA PHE A 247 -14.79 -7.44 2.00
C PHE A 247 -15.78 -6.88 0.99
N ARG A 248 -15.76 -7.44 -0.21
CA ARG A 248 -16.64 -7.03 -1.30
C ARG A 248 -17.00 -8.29 -2.08
N CYS A 249 -15.96 -9.01 -2.47
CA CYS A 249 -16.12 -10.25 -3.22
C CYS A 249 -15.24 -11.32 -2.59
N VAL A 250 -15.50 -12.59 -2.93
CA VAL A 250 -14.70 -13.69 -2.43
C VAL A 250 -13.85 -14.14 -3.60
N ALA A 251 -12.70 -14.76 -3.31
CA ALA A 251 -11.82 -15.21 -4.37
C ALA A 251 -12.57 -16.05 -5.40
N THR A 252 -11.95 -16.29 -6.53
CA THR A 252 -12.56 -17.08 -7.60
C THR A 252 -11.65 -18.21 -8.06
N GLY B 2 -21.84 -17.20 0.86
CA GLY B 2 -20.66 -16.65 0.16
C GLY B 2 -21.05 -15.65 -0.92
N GLU B 3 -20.07 -15.21 -1.70
CA GLU B 3 -20.30 -14.25 -2.78
C GLU B 3 -19.09 -14.20 -3.72
N THR B 4 -19.12 -15.02 -4.77
CA THR B 4 -18.03 -15.08 -5.74
C THR B 4 -17.73 -13.72 -6.35
N CYS B 5 -16.46 -13.48 -6.68
CA CYS B 5 -16.04 -12.22 -7.26
C CYS B 5 -16.64 -11.99 -8.63
N ALA B 6 -15.83 -11.47 -9.55
CA ALA B 6 -16.29 -11.21 -10.91
C ALA B 6 -15.16 -11.38 -11.92
N ILE B 7 -15.48 -11.97 -13.06
CA ILE B 7 -14.49 -12.18 -14.11
C ILE B 7 -14.19 -10.87 -14.82
N PRO B 8 -12.96 -10.35 -14.67
CA PRO B 8 -12.59 -9.08 -15.31
C PRO B 8 -12.50 -9.16 -16.83
N ALA B 9 -12.88 -8.07 -17.49
CA ALA B 9 -12.84 -7.99 -18.94
C ALA B 9 -11.45 -7.56 -19.37
N PRO B 10 -11.18 -7.49 -20.68
CA PRO B 10 -9.82 -7.08 -21.08
C PRO B 10 -9.55 -5.60 -20.81
N PHE B 11 -8.34 -5.31 -20.33
CA PHE B 11 -7.95 -3.93 -20.04
C PHE B 11 -6.56 -3.65 -20.62
N THR B 12 -6.37 -2.43 -21.12
CA THR B 12 -5.09 -2.05 -21.71
C THR B 12 -4.23 -1.22 -20.77
N ARG B 13 -3.01 -1.68 -20.55
CA ARG B 13 -2.05 -0.99 -19.68
C ARG B 13 -0.66 -1.09 -20.28
N ARG B 14 0.25 -0.24 -19.81
CA ARG B 14 1.61 -0.24 -20.33
C ARG B 14 2.47 -1.23 -19.53
N ILE B 15 3.73 -1.38 -19.93
CA ILE B 15 4.65 -2.29 -19.26
C ILE B 15 6.06 -1.72 -19.24
N VAL B 16 6.56 -1.42 -18.05
CA VAL B 16 7.91 -0.88 -17.89
C VAL B 16 8.72 -1.80 -16.98
N GLY B 17 10.04 -1.78 -17.13
CA GLY B 17 10.84 -2.65 -16.29
C GLY B 17 12.35 -2.53 -16.45
N ARG B 18 12.83 -1.33 -16.71
CA ARG B 18 14.26 -1.08 -16.87
C ARG B 18 14.55 0.31 -17.39
N ASP B 19 15.16 1.14 -16.56
CA ASP B 19 15.51 2.51 -16.93
C ASP B 19 14.30 3.30 -17.45
N GLY B 20 13.13 2.99 -16.92
CA GLY B 20 11.92 3.70 -17.34
C GLY B 20 11.48 3.43 -18.76
N LEU B 21 12.03 2.38 -19.38
CA LEU B 21 11.67 2.03 -20.74
C LEU B 21 10.45 1.11 -20.76
N CYS B 22 9.61 1.28 -21.78
CA CYS B 22 8.40 0.49 -21.93
C CYS B 22 8.64 -0.69 -22.88
N VAL B 23 7.75 -1.68 -22.81
CA VAL B 23 7.84 -2.85 -23.67
C VAL B 23 6.90 -2.62 -24.85
N ASP B 24 7.38 -2.91 -26.06
CA ASP B 24 6.56 -2.70 -27.25
C ASP B 24 6.98 -3.58 -28.44
N VAL B 25 6.16 -3.54 -29.49
CA VAL B 25 6.43 -4.32 -30.70
C VAL B 25 7.22 -3.47 -31.69
N ARG B 26 8.34 -4.01 -32.15
CA ARG B 26 9.21 -3.31 -33.09
C ARG B 26 8.49 -2.71 -34.29
N ASN B 27 8.71 -1.42 -34.50
CA ASN B 27 8.11 -0.66 -35.60
C ASN B 27 6.59 -0.73 -35.66
N GLY B 28 5.97 -1.16 -34.56
CA GLY B 28 4.53 -1.25 -34.50
C GLY B 28 3.89 -2.05 -35.61
N TYR B 29 4.63 -3.02 -36.14
CA TYR B 29 4.13 -3.87 -37.21
C TYR B 29 3.32 -5.00 -36.60
N ASP B 30 2.01 -5.01 -36.87
CA ASP B 30 1.14 -6.04 -36.33
C ASP B 30 1.35 -7.39 -37.03
N THR B 31 2.43 -7.50 -37.79
CA THR B 31 2.73 -8.74 -38.51
C THR B 31 3.27 -9.79 -37.54
N ASP B 32 2.98 -11.06 -37.84
CA ASP B 32 3.43 -12.15 -36.99
C ASP B 32 4.96 -12.26 -36.95
N GLY B 33 5.47 -12.89 -35.90
CA GLY B 33 6.91 -13.06 -35.77
C GLY B 33 7.67 -11.84 -35.29
N THR B 34 7.03 -10.67 -35.33
CA THR B 34 7.67 -9.44 -34.89
C THR B 34 8.07 -9.52 -33.42
N PRO B 35 9.38 -9.35 -33.13
CA PRO B 35 9.91 -9.40 -31.76
C PRO B 35 9.49 -8.26 -30.84
N ILE B 36 9.71 -8.45 -29.55
CA ILE B 36 9.39 -7.44 -28.55
C ILE B 36 10.69 -6.84 -28.03
N GLN B 37 10.69 -5.53 -27.81
CA GLN B 37 11.89 -4.83 -27.33
C GLN B 37 11.57 -3.70 -26.36
N LEU B 38 12.63 -3.19 -25.71
CA LEU B 38 12.49 -2.09 -24.77
C LEU B 38 12.50 -0.81 -25.58
N TRP B 39 11.74 0.20 -25.15
CA TRP B 39 11.69 1.45 -25.88
C TRP B 39 11.02 2.57 -25.09
N PRO B 40 11.54 3.80 -25.20
CA PRO B 40 10.97 4.96 -24.49
C PRO B 40 9.45 4.99 -24.60
N CYS B 41 8.78 5.01 -23.44
CA CYS B 41 7.33 5.03 -23.39
C CYS B 41 6.71 6.14 -24.23
N GLY B 42 5.38 6.08 -24.38
CA GLY B 42 4.67 7.08 -25.17
C GLY B 42 3.37 6.55 -25.71
N THR B 43 2.51 7.46 -26.18
CA THR B 43 1.21 7.06 -26.71
C THR B 43 1.34 6.38 -28.07
N GLN B 44 1.25 5.06 -28.07
CA GLN B 44 1.35 4.26 -29.29
C GLN B 44 0.87 2.84 -29.01
N ARG B 45 0.04 2.31 -29.90
CA ARG B 45 -0.51 0.97 -29.74
C ARG B 45 0.55 -0.09 -29.45
N ASN B 46 1.62 -0.10 -30.24
CA ASN B 46 2.70 -1.07 -30.07
C ASN B 46 3.16 -1.12 -28.62
N GLN B 47 2.94 -0.03 -27.90
CA GLN B 47 3.33 0.07 -26.50
C GLN B 47 2.19 -0.34 -25.57
N GLN B 48 0.95 -0.23 -26.06
CA GLN B 48 -0.22 -0.59 -25.27
C GLN B 48 -0.43 -2.10 -25.32
N TRP B 49 -0.82 -2.68 -24.19
CA TRP B 49 -1.04 -4.12 -24.12
C TRP B 49 -2.32 -4.45 -23.38
N THR B 50 -3.19 -5.23 -24.02
CA THR B 50 -4.46 -5.62 -23.42
C THR B 50 -4.33 -6.98 -22.74
N PHE B 51 -4.72 -7.03 -21.47
CA PHE B 51 -4.65 -8.27 -20.70
C PHE B 51 -6.01 -8.95 -20.67
N TYR B 52 -6.03 -10.24 -20.94
CA TYR B 52 -7.28 -11.00 -20.94
C TYR B 52 -7.34 -12.03 -19.81
N ASN B 53 -8.54 -12.51 -19.54
CA ASN B 53 -8.76 -13.48 -18.47
C ASN B 53 -8.03 -14.80 -18.78
N ASP B 54 -8.10 -15.23 -20.04
CA ASP B 54 -7.47 -16.47 -20.46
C ASP B 54 -5.98 -16.49 -20.12
N LYS B 55 -5.42 -15.32 -19.81
CA LYS B 55 -4.02 -15.15 -19.43
C LYS B 55 -3.10 -14.67 -20.54
N THR B 56 -3.67 -14.00 -21.53
CA THR B 56 -2.89 -13.51 -22.66
C THR B 56 -2.68 -12.00 -22.59
N ILE B 57 -1.68 -11.53 -23.33
CA ILE B 57 -1.36 -10.12 -23.39
C ILE B 57 -1.07 -9.83 -24.86
N ARG B 58 -1.73 -8.83 -25.42
CA ARG B 58 -1.53 -8.53 -26.84
C ARG B 58 -1.78 -7.08 -27.25
N SER B 59 -1.02 -6.66 -28.25
CA SER B 59 -1.13 -5.30 -28.79
C SER B 59 -1.51 -5.47 -30.27
N MET B 60 -2.21 -4.49 -30.82
CA MET B 60 -2.63 -4.55 -32.22
C MET B 60 -3.51 -5.78 -32.48
N GLY B 61 -3.83 -6.52 -31.42
CA GLY B 61 -4.66 -7.69 -31.56
C GLY B 61 -3.92 -9.01 -31.61
N LYS B 62 -2.65 -8.97 -32.00
CA LYS B 62 -1.85 -10.19 -32.09
C LYS B 62 -1.18 -10.55 -30.77
N CYS B 63 -1.63 -11.66 -30.16
CA CYS B 63 -1.10 -12.12 -28.89
C CYS B 63 0.43 -12.02 -28.77
N MET B 64 0.89 -11.84 -27.53
CA MET B 64 2.30 -11.74 -27.24
C MET B 64 2.78 -13.12 -26.79
N THR B 65 3.48 -13.82 -27.68
CA THR B 65 3.97 -15.16 -27.34
C THR B 65 5.49 -15.16 -27.22
N ALA B 66 6.02 -16.14 -26.51
CA ALA B 66 7.46 -16.23 -26.30
C ALA B 66 8.25 -16.85 -27.45
N ASN B 67 7.63 -16.97 -28.62
CA ASN B 67 8.32 -17.54 -29.77
C ASN B 67 8.95 -18.86 -29.34
N GLY B 68 10.23 -19.07 -29.69
CA GLY B 68 10.89 -20.29 -29.30
C GLY B 68 10.80 -20.43 -27.79
N LEU B 69 10.97 -21.63 -27.26
CA LEU B 69 10.88 -21.81 -25.82
C LEU B 69 12.06 -22.56 -25.21
N ASN B 70 12.84 -21.85 -24.40
CA ASN B 70 14.01 -22.40 -23.72
C ASN B 70 14.93 -21.25 -23.32
N SER B 71 15.33 -21.23 -22.05
CA SER B 71 16.20 -20.18 -21.51
C SER B 71 17.03 -19.50 -22.60
N GLY B 72 16.62 -18.30 -22.97
CA GLY B 72 17.32 -17.55 -24.00
C GLY B 72 16.42 -17.25 -25.19
N SER B 73 15.23 -17.83 -25.19
CA SER B 73 14.27 -17.63 -26.27
C SER B 73 13.58 -16.28 -26.13
N TYR B 74 13.70 -15.43 -27.15
CA TYR B 74 13.09 -14.11 -27.13
C TYR B 74 11.57 -14.14 -27.31
N ILE B 75 10.94 -13.00 -27.08
CA ILE B 75 9.50 -12.85 -27.20
C ILE B 75 9.11 -12.08 -28.46
N MET B 76 7.90 -12.33 -28.94
CA MET B 76 7.39 -11.66 -30.14
C MET B 76 5.87 -11.77 -30.17
N ILE B 77 5.24 -11.17 -31.17
CA ILE B 77 3.79 -11.21 -31.29
C ILE B 77 3.34 -12.05 -32.49
N THR B 78 2.30 -12.85 -32.27
CA THR B 78 1.75 -13.70 -33.33
C THR B 78 0.27 -13.97 -33.07
N ASP B 79 -0.46 -14.30 -34.13
CA ASP B 79 -1.88 -14.58 -34.04
C ASP B 79 -2.19 -15.45 -32.82
N CYS B 80 -3.23 -15.08 -32.08
CA CYS B 80 -3.63 -15.81 -30.88
C CYS B 80 -4.02 -17.27 -31.12
N SER B 81 -4.79 -17.51 -32.17
CA SER B 81 -5.25 -18.86 -32.50
C SER B 81 -4.11 -19.87 -32.71
N THR B 82 -3.28 -19.63 -33.73
CA THR B 82 -2.17 -20.52 -34.04
C THR B 82 -1.07 -20.47 -32.98
N ALA B 83 -1.15 -19.48 -32.10
CA ALA B 83 -0.16 -19.33 -31.04
C ALA B 83 -0.08 -20.56 -30.15
N ALA B 84 1.13 -21.08 -29.97
CA ALA B 84 1.33 -22.26 -29.13
C ALA B 84 0.69 -22.05 -27.76
N GLU B 85 -0.34 -22.85 -27.48
CA GLU B 85 -1.09 -22.81 -26.22
C GLU B 85 -0.33 -22.29 -25.01
N ASP B 86 0.81 -22.91 -24.71
CA ASP B 86 1.61 -22.52 -23.55
C ASP B 86 2.48 -21.29 -23.76
N ALA B 87 2.95 -21.09 -24.98
CA ALA B 87 3.82 -19.95 -25.29
C ALA B 87 3.08 -18.62 -25.34
N THR B 88 1.79 -18.61 -24.97
CA THR B 88 1.03 -17.38 -24.99
C THR B 88 0.51 -16.97 -23.60
N LYS B 89 0.46 -17.93 -22.69
CA LYS B 89 -0.01 -17.65 -21.34
C LYS B 89 1.08 -17.01 -20.48
N TRP B 90 0.73 -15.95 -19.78
CA TRP B 90 1.68 -15.24 -18.93
C TRP B 90 1.14 -15.05 -17.51
N GLU B 91 2.05 -14.81 -16.58
CA GLU B 91 1.68 -14.58 -15.19
C GLU B 91 2.37 -13.32 -14.67
N VAL B 92 1.61 -12.46 -13.99
CA VAL B 92 2.16 -11.22 -13.45
C VAL B 92 2.01 -11.14 -11.93
N LEU B 93 3.00 -11.69 -11.22
CA LEU B 93 2.98 -11.68 -9.77
C LEU B 93 3.36 -10.31 -9.22
N ILE B 94 2.92 -10.00 -8.01
CA ILE B 94 3.23 -8.71 -7.39
C ILE B 94 4.73 -8.53 -7.19
N ASP B 95 5.50 -9.59 -7.43
CA ASP B 95 6.94 -9.52 -7.28
C ASP B 95 7.54 -8.70 -8.42
N GLY B 96 6.68 -8.12 -9.24
CA GLY B 96 7.14 -7.33 -10.36
C GLY B 96 7.85 -8.18 -11.39
N SER B 97 7.22 -9.28 -11.79
CA SER B 97 7.80 -10.17 -12.79
C SER B 97 6.73 -10.86 -13.63
N ILE B 98 6.99 -10.98 -14.92
CA ILE B 98 6.06 -11.62 -15.84
C ILE B 98 6.57 -13.01 -16.21
N ILE B 99 6.28 -13.98 -15.37
CA ILE B 99 6.72 -15.36 -15.59
C ILE B 99 5.78 -16.11 -16.54
N ASN B 100 6.37 -16.97 -17.37
CA ASN B 100 5.62 -17.77 -18.32
C ASN B 100 5.31 -19.12 -17.69
N PRO B 101 4.05 -19.32 -17.25
CA PRO B 101 3.58 -20.55 -16.62
C PRO B 101 4.32 -21.83 -17.02
N SER B 102 3.81 -22.49 -18.05
CA SER B 102 4.38 -23.74 -18.54
C SER B 102 5.90 -23.83 -18.47
N SER B 103 6.59 -22.87 -19.06
CA SER B 103 8.06 -22.88 -19.06
C SER B 103 8.68 -22.63 -17.70
N GLY B 104 8.42 -21.47 -17.12
CA GLY B 104 9.00 -21.13 -15.84
C GLY B 104 10.01 -20.02 -16.02
N LEU B 105 10.19 -19.61 -17.27
CA LEU B 105 11.12 -18.54 -17.62
C LEU B 105 10.38 -17.22 -17.49
N VAL B 106 11.11 -16.15 -17.19
CA VAL B 106 10.49 -14.84 -17.02
C VAL B 106 11.03 -13.80 -18.01
N MET B 107 10.17 -12.88 -18.40
CA MET B 107 10.54 -11.81 -19.32
C MET B 107 11.76 -11.06 -18.77
N THR B 108 12.94 -11.38 -19.33
CA THR B 108 14.17 -10.75 -18.88
C THR B 108 14.71 -9.76 -19.90
N ALA B 109 15.24 -8.64 -19.40
CA ALA B 109 15.82 -7.62 -20.26
C ALA B 109 17.32 -7.56 -20.00
N PRO B 110 18.11 -8.41 -20.70
CA PRO B 110 19.56 -8.44 -20.54
C PRO B 110 20.13 -7.05 -20.25
N SER B 111 19.87 -6.13 -21.17
CA SER B 111 20.33 -4.76 -21.02
C SER B 111 19.13 -3.82 -21.07
N GLY B 112 19.34 -2.58 -20.64
CA GLY B 112 18.25 -1.61 -20.64
C GLY B 112 18.47 -0.52 -21.67
N ALA B 113 18.98 -0.91 -22.83
CA ALA B 113 19.23 0.04 -23.90
C ALA B 113 18.02 0.12 -24.81
N SER B 114 17.71 1.33 -25.27
CA SER B 114 16.57 1.52 -26.15
C SER B 114 16.75 0.57 -27.33
N ARG B 115 15.68 -0.12 -27.70
CA ARG B 115 15.69 -1.06 -28.82
C ARG B 115 16.06 -2.48 -28.39
N THR B 116 16.48 -2.64 -27.14
CA THR B 116 16.87 -3.96 -26.63
C THR B 116 15.72 -4.97 -26.65
N THR B 117 15.91 -6.07 -27.38
CA THR B 117 14.90 -7.12 -27.47
C THR B 117 14.81 -7.94 -26.19
N LEU B 118 13.59 -8.24 -25.76
CA LEU B 118 13.37 -9.03 -24.55
C LEU B 118 13.44 -10.53 -24.84
N LEU B 119 13.42 -11.34 -23.80
CA LEU B 119 13.49 -12.79 -23.97
C LEU B 119 13.30 -13.56 -22.66
N LEU B 120 12.72 -14.75 -22.76
CA LEU B 120 12.49 -15.60 -21.60
C LEU B 120 13.84 -16.09 -21.10
N GLU B 121 14.06 -16.02 -19.80
CA GLU B 121 15.33 -16.47 -19.22
C GLU B 121 15.18 -16.99 -17.79
N ASN B 122 16.14 -17.80 -17.37
CA ASN B 122 16.14 -18.38 -16.02
C ASN B 122 15.88 -17.32 -14.95
N ASN B 123 14.69 -17.37 -14.36
CA ASN B 123 14.33 -16.42 -13.31
C ASN B 123 15.38 -16.45 -12.21
N ILE B 124 16.05 -15.33 -11.99
CA ILE B 124 17.08 -15.25 -10.98
C ILE B 124 16.88 -14.08 -10.01
N HIS B 125 15.87 -13.26 -10.29
CA HIS B 125 15.53 -12.11 -9.45
C HIS B 125 16.49 -10.94 -9.67
N ALA B 126 16.46 -10.39 -10.88
CA ALA B 126 17.32 -9.26 -11.22
C ALA B 126 16.46 -8.08 -11.66
N ALA B 127 16.98 -6.86 -11.51
CA ALA B 127 16.22 -5.67 -11.91
C ALA B 127 15.85 -5.79 -13.38
N SER B 128 16.62 -6.57 -14.13
CA SER B 128 16.35 -6.78 -15.55
C SER B 128 15.03 -7.52 -15.68
N GLN B 129 14.81 -8.46 -14.77
CA GLN B 129 13.59 -9.25 -14.75
C GLN B 129 12.56 -8.63 -13.81
N GLY B 130 12.45 -7.30 -13.86
CA GLY B 130 11.50 -6.60 -13.03
C GLY B 130 10.57 -5.75 -13.88
N TRP B 131 9.30 -6.11 -13.90
CA TRP B 131 8.34 -5.37 -14.70
C TRP B 131 7.11 -4.92 -13.92
N THR B 132 6.51 -3.82 -14.36
CA THR B 132 5.33 -3.27 -13.72
C THR B 132 4.32 -2.79 -14.77
N VAL B 133 3.17 -3.45 -14.81
CA VAL B 133 2.13 -3.09 -15.77
C VAL B 133 1.28 -1.96 -15.19
N SER B 134 1.19 -0.86 -15.94
CA SER B 134 0.41 0.30 -15.52
C SER B 134 0.37 1.35 -16.64
N ASN B 135 -0.60 2.24 -16.57
CA ASN B 135 -0.71 3.28 -17.60
C ASN B 135 0.14 4.47 -17.23
N ASP B 136 0.48 4.56 -15.94
CA ASP B 136 1.30 5.63 -15.42
C ASP B 136 2.74 5.14 -15.37
N VAL B 137 3.47 5.37 -16.46
CA VAL B 137 4.87 4.94 -16.54
C VAL B 137 5.80 5.89 -15.81
N GLN B 138 5.24 6.69 -14.91
CA GLN B 138 6.04 7.65 -14.15
C GLN B 138 6.13 7.24 -12.68
N PRO B 139 7.35 6.93 -12.21
CA PRO B 139 7.56 6.53 -10.82
C PRO B 139 7.18 7.64 -9.86
N ILE B 140 6.83 7.27 -8.63
CA ILE B 140 6.43 8.25 -7.61
C ILE B 140 7.59 8.58 -6.67
N ALA B 141 7.75 9.87 -6.37
CA ALA B 141 8.80 10.32 -5.47
C ALA B 141 8.33 10.00 -4.04
N THR B 142 9.24 9.50 -3.22
CA THR B 142 8.87 9.16 -1.85
C THR B 142 10.05 9.03 -0.90
N LEU B 143 9.80 9.34 0.37
CA LEU B 143 10.84 9.23 1.40
C LEU B 143 10.60 7.91 2.11
N ILE B 144 11.68 7.18 2.38
CA ILE B 144 11.58 5.89 3.05
C ILE B 144 11.77 6.04 4.55
N VAL B 145 10.70 6.38 5.26
CA VAL B 145 10.75 6.56 6.71
C VAL B 145 10.75 5.22 7.42
N GLY B 146 11.85 4.91 8.11
CA GLY B 146 11.95 3.65 8.83
C GLY B 146 11.91 3.81 10.34
N TYR B 147 12.92 3.26 11.00
CA TYR B 147 13.02 3.33 12.46
C TYR B 147 12.93 4.75 13.00
N ASN B 148 12.35 4.89 14.19
CA ASN B 148 12.19 6.18 14.85
C ASN B 148 11.81 7.33 13.92
N GLU B 149 10.73 7.15 13.18
CA GLU B 149 10.25 8.19 12.26
C GLU B 149 11.37 8.89 11.51
N MET B 150 12.48 8.18 11.34
CA MET B 150 13.63 8.73 10.62
C MET B 150 13.57 8.32 9.16
N CYS B 151 14.04 9.19 8.28
CA CYS B 151 14.04 8.91 6.85
C CYS B 151 15.37 8.34 6.37
N LEU B 152 15.29 7.32 5.52
CA LEU B 152 16.50 6.70 4.97
C LEU B 152 17.22 7.73 4.12
N GLN B 153 18.51 7.94 4.40
CA GLN B 153 19.29 8.91 3.66
C GLN B 153 20.34 8.32 2.75
N ALA B 154 20.51 8.94 1.60
CA ALA B 154 21.50 8.52 0.61
C ALA B 154 22.73 9.40 0.80
N ASN B 155 23.91 8.79 0.75
CA ASN B 155 25.14 9.53 0.92
C ASN B 155 25.88 9.73 -0.41
N GLY B 156 26.99 9.02 -0.58
CA GLY B 156 27.74 9.16 -1.82
C GLY B 156 27.73 7.89 -2.64
N GLU B 157 28.19 8.00 -3.89
CA GLU B 157 28.24 6.85 -4.78
C GLU B 157 29.11 5.77 -4.16
N ASN B 158 28.57 4.56 -4.06
CA ASN B 158 29.29 3.43 -3.48
C ASN B 158 29.34 3.55 -1.95
N ASN B 159 28.86 4.68 -1.45
CA ASN B 159 28.83 4.92 0.00
C ASN B 159 27.60 4.26 0.62
N ASN B 160 27.62 4.11 1.94
CA ASN B 160 26.53 3.48 2.67
C ASN B 160 25.20 4.23 2.50
N VAL B 161 24.27 3.93 3.40
CA VAL B 161 22.94 4.55 3.41
C VAL B 161 22.38 4.31 4.81
N TRP B 162 22.18 5.38 5.57
CA TRP B 162 21.67 5.25 6.92
C TRP B 162 20.51 6.19 7.22
N MET B 163 19.88 5.96 8.38
CA MET B 163 18.75 6.75 8.82
C MET B 163 19.16 8.15 9.32
N GLU B 164 18.61 9.18 8.70
CA GLU B 164 18.91 10.56 9.07
C GLU B 164 17.60 11.28 9.38
N ASP B 165 17.66 12.30 10.23
CA ASP B 165 16.46 13.05 10.59
C ASP B 165 15.68 13.49 9.35
N CYS B 166 14.45 13.02 9.24
CA CYS B 166 13.58 13.34 8.11
C CYS B 166 13.61 14.81 7.71
N ASP B 167 13.71 15.04 6.40
CA ASP B 167 13.75 16.39 5.85
C ASP B 167 13.14 16.35 4.45
N VAL B 168 11.91 16.82 4.32
CA VAL B 168 11.20 16.82 3.04
C VAL B 168 11.82 17.76 2.00
N THR B 169 13.02 18.23 2.27
CA THR B 169 13.70 19.14 1.34
C THR B 169 15.00 18.54 0.82
N SER B 170 15.68 17.77 1.66
CA SER B 170 16.95 17.16 1.28
C SER B 170 16.73 16.07 0.23
N VAL B 171 17.23 16.31 -0.98
CA VAL B 171 17.09 15.36 -2.08
C VAL B 171 17.72 14.00 -1.76
N GLN B 172 18.61 13.98 -0.78
CA GLN B 172 19.28 12.74 -0.38
C GLN B 172 18.31 11.78 0.28
N GLN B 173 17.10 12.25 0.56
CA GLN B 173 16.07 11.44 1.18
C GLN B 173 14.94 11.20 0.18
N GLN B 174 15.07 11.83 -0.99
CA GLN B 174 14.07 11.70 -2.05
C GLN B 174 14.36 10.45 -2.87
N TRP B 175 13.55 9.42 -2.68
CA TRP B 175 13.73 8.17 -3.40
C TRP B 175 12.72 8.00 -4.52
N ALA B 176 13.20 7.56 -5.68
CA ALA B 176 12.35 7.33 -6.84
C ALA B 176 12.18 5.84 -7.03
N LEU B 177 10.96 5.35 -6.80
CA LEU B 177 10.67 3.93 -6.95
C LEU B 177 10.38 3.57 -8.41
N PHE B 178 11.39 2.99 -9.07
CA PHE B 178 11.27 2.60 -10.46
C PHE B 178 10.41 1.36 -10.66
N ASP B 179 9.72 1.31 -11.79
CA ASP B 179 8.84 0.20 -12.13
C ASP B 179 9.61 -1.11 -12.27
N ASP B 180 10.92 -1.00 -12.49
CA ASP B 180 11.75 -2.19 -12.63
C ASP B 180 12.00 -2.83 -11.26
N ARG B 181 11.21 -2.41 -10.28
CA ARG B 181 11.31 -2.90 -8.91
C ARG B 181 12.57 -2.47 -8.17
N THR B 182 13.21 -1.41 -8.67
CA THR B 182 14.43 -0.90 -8.05
C THR B 182 14.19 0.45 -7.38
N ILE B 183 15.09 0.81 -6.47
CA ILE B 183 15.01 2.08 -5.75
C ILE B 183 16.26 2.92 -6.06
N ARG B 184 16.07 4.01 -6.78
CA ARG B 184 17.18 4.87 -7.14
C ARG B 184 16.99 6.30 -6.63
N VAL B 185 18.09 7.04 -6.57
CA VAL B 185 18.05 8.43 -6.11
C VAL B 185 17.35 9.31 -7.13
N ASN B 186 16.31 10.00 -6.68
CA ASN B 186 15.55 10.89 -7.56
C ASN B 186 16.55 11.86 -8.19
N ASN B 187 17.39 12.43 -7.35
CA ASN B 187 18.42 13.37 -7.78
C ASN B 187 19.19 12.78 -8.95
N SER B 188 19.67 11.56 -8.77
CA SER B 188 20.42 10.86 -9.80
C SER B 188 19.95 9.41 -9.90
N ARG B 189 19.01 9.15 -10.81
CA ARG B 189 18.47 7.81 -11.00
C ARG B 189 19.48 6.88 -11.66
N GLY B 190 20.75 7.22 -11.54
CA GLY B 190 21.80 6.40 -12.13
C GLY B 190 22.33 5.35 -11.18
N LEU B 191 22.12 5.57 -9.88
CA LEU B 191 22.58 4.62 -8.87
C LEU B 191 21.40 4.03 -8.10
N CYS B 192 21.34 2.70 -8.04
CA CYS B 192 20.27 2.00 -7.35
C CYS B 192 20.70 1.50 -5.98
N VAL B 193 19.76 1.35 -5.07
CA VAL B 193 20.04 0.85 -3.73
C VAL B 193 20.55 -0.57 -3.87
N THR B 194 21.87 -0.73 -3.80
CA THR B 194 22.49 -2.05 -3.94
C THR B 194 22.90 -2.65 -2.61
N SER B 195 23.04 -3.98 -2.60
CA SER B 195 23.46 -4.71 -1.40
C SER B 195 24.86 -5.24 -1.65
N ASN B 196 25.56 -5.60 -0.59
CA ASN B 196 26.92 -6.11 -0.73
C ASN B 196 27.01 -7.63 -0.68
N GLY B 197 25.92 -8.27 -0.28
CA GLY B 197 25.90 -9.73 -0.20
C GLY B 197 24.52 -10.30 0.00
N TYR B 198 24.46 -11.62 0.18
CA TYR B 198 23.18 -12.30 0.38
C TYR B 198 23.11 -12.97 1.74
N VAL B 199 23.97 -12.53 2.65
CA VAL B 199 24.00 -13.08 4.00
C VAL B 199 23.58 -11.99 4.99
N SER B 200 23.06 -12.40 6.14
CA SER B 200 22.62 -11.45 7.16
C SER B 200 23.75 -10.48 7.50
N LYS B 201 23.37 -9.30 8.00
CA LYS B 201 24.33 -8.29 8.38
C LYS B 201 25.03 -7.67 7.17
N ASP B 202 24.72 -8.15 5.97
CA ASP B 202 25.34 -7.63 4.76
C ASP B 202 24.99 -6.15 4.57
N LEU B 203 26.01 -5.33 4.43
CA LEU B 203 25.83 -3.88 4.26
C LEU B 203 25.15 -3.47 2.96
N ILE B 204 24.26 -2.48 3.06
CA ILE B 204 23.56 -1.95 1.90
C ILE B 204 24.23 -0.62 1.56
N VAL B 205 24.15 -0.21 0.29
CA VAL B 205 24.77 1.03 -0.13
C VAL B 205 23.96 1.70 -1.25
N ILE B 206 24.67 2.39 -2.15
CA ILE B 206 24.03 3.07 -3.26
C ILE B 206 24.86 2.90 -4.52
N ARG B 207 25.19 1.65 -4.85
CA ARG B 207 25.99 1.37 -6.04
C ARG B 207 25.28 1.83 -7.30
N LYS B 208 25.89 1.58 -8.45
CA LYS B 208 25.31 1.95 -9.73
C LYS B 208 24.19 0.99 -10.12
N CYS B 209 23.37 1.40 -11.07
CA CYS B 209 22.26 0.57 -11.53
C CYS B 209 22.72 -0.30 -12.70
N GLN B 210 22.59 -1.62 -12.54
CA GLN B 210 22.99 -2.55 -13.59
C GLN B 210 22.05 -3.74 -13.67
N GLY B 211 20.93 -3.65 -12.95
CA GLY B 211 19.96 -4.73 -12.97
C GLY B 211 20.36 -5.92 -12.11
N LEU B 212 21.40 -5.76 -11.30
CA LEU B 212 21.88 -6.82 -10.44
C LEU B 212 20.77 -7.35 -9.53
N ALA B 213 20.86 -8.63 -9.17
CA ALA B 213 19.87 -9.26 -8.31
C ALA B 213 19.83 -8.61 -6.93
N THR B 214 20.82 -7.78 -6.64
CA THR B 214 20.90 -7.10 -5.36
C THR B 214 20.12 -5.79 -5.39
N GLN B 215 19.87 -5.29 -6.59
CA GLN B 215 19.15 -4.03 -6.75
C GLN B 215 17.65 -4.25 -6.96
N ARG B 216 17.20 -5.48 -6.69
CA ARG B 216 15.78 -5.82 -6.84
C ARG B 216 15.11 -5.80 -5.47
N TRP B 217 14.25 -4.80 -5.26
CA TRP B 217 13.55 -4.68 -3.98
C TRP B 217 12.05 -4.85 -4.09
N PHE B 218 11.51 -5.74 -3.28
CA PHE B 218 10.08 -6.02 -3.25
C PHE B 218 9.49 -5.48 -1.95
N PHE B 219 8.50 -4.61 -2.07
CA PHE B 219 7.87 -4.02 -0.89
C PHE B 219 6.75 -4.89 -0.33
N ASN B 220 7.12 -5.78 0.59
CA ASN B 220 6.15 -6.68 1.22
C ASN B 220 5.01 -5.90 1.85
N SER B 221 3.80 -6.41 1.72
CA SER B 221 2.62 -5.75 2.26
C SER B 221 2.67 -5.66 3.78
N ASP B 222 3.66 -6.30 4.38
CA ASP B 222 3.80 -6.29 5.84
C ASP B 222 4.55 -5.04 6.31
N GLY B 223 5.11 -4.29 5.37
CA GLY B 223 5.83 -3.08 5.72
C GLY B 223 7.33 -3.25 5.65
N SER B 224 7.78 -4.41 5.20
CA SER B 224 9.21 -4.68 5.08
C SER B 224 9.67 -4.72 3.63
N VAL B 225 10.80 -4.07 3.37
CA VAL B 225 11.38 -4.05 2.02
C VAL B 225 12.34 -5.23 1.89
N VAL B 226 11.81 -6.36 1.43
CA VAL B 226 12.60 -7.58 1.27
C VAL B 226 13.38 -7.69 -0.04
N ASN B 227 14.60 -8.19 0.08
CA ASN B 227 15.45 -8.41 -1.09
C ASN B 227 14.91 -9.71 -1.67
N LEU B 228 14.60 -9.73 -2.96
CA LEU B 228 14.04 -10.93 -3.57
C LEU B 228 14.95 -12.15 -3.65
N LYS B 229 16.15 -11.98 -4.21
CA LYS B 229 17.08 -13.10 -4.32
C LYS B 229 17.25 -13.73 -2.94
N SER B 230 17.76 -12.95 -1.99
CA SER B 230 17.95 -13.42 -0.63
C SER B 230 16.77 -12.95 0.21
N THR B 231 16.06 -13.89 0.81
CA THR B 231 14.88 -13.58 1.63
C THR B 231 15.13 -12.54 2.71
N ARG B 232 16.36 -12.06 2.82
CA ARG B 232 16.72 -11.06 3.83
C ARG B 232 16.05 -9.71 3.55
N VAL B 233 15.75 -8.98 4.63
CA VAL B 233 15.11 -7.67 4.53
C VAL B 233 16.10 -6.59 4.96
N MET B 234 15.86 -5.36 4.53
CA MET B 234 16.74 -4.26 4.92
C MET B 234 16.29 -3.73 6.28
N ASP B 235 17.23 -3.63 7.22
CA ASP B 235 16.91 -3.15 8.55
C ASP B 235 17.97 -2.23 9.14
N VAL B 236 17.67 -1.69 10.32
CA VAL B 236 18.58 -0.81 11.03
C VAL B 236 19.46 -1.67 11.93
N LYS B 237 20.71 -1.86 11.51
CA LYS B 237 21.67 -2.68 12.24
C LYS B 237 21.65 -2.42 13.75
N GLU B 238 21.32 -3.48 14.50
CA GLU B 238 21.26 -3.41 15.96
C GLU B 238 20.27 -2.38 16.49
N SER B 239 19.65 -1.63 15.58
CA SER B 239 18.68 -0.59 15.93
C SER B 239 19.41 0.73 16.20
N ASP B 240 20.68 0.63 16.56
CA ASP B 240 21.50 1.80 16.84
C ASP B 240 21.71 2.62 15.56
N VAL B 241 20.83 3.57 15.32
CA VAL B 241 20.91 4.42 14.13
C VAL B 241 22.27 5.09 14.01
N SER B 242 22.94 5.29 15.15
CA SER B 242 24.25 5.92 15.17
C SER B 242 25.30 5.13 14.40
N LEU B 243 25.13 3.81 14.35
CA LEU B 243 26.07 2.95 13.63
C LEU B 243 26.14 3.38 12.15
N GLN B 244 25.11 4.08 11.70
CA GLN B 244 25.04 4.56 10.31
C GLN B 244 25.15 3.41 9.32
N GLU B 245 24.22 2.46 9.39
CA GLU B 245 24.24 1.34 8.47
C GLU B 245 22.96 0.50 8.44
N VAL B 246 22.41 0.34 7.24
CA VAL B 246 21.21 -0.46 7.03
C VAL B 246 21.71 -1.73 6.34
N ILE B 247 21.21 -2.89 6.75
CA ILE B 247 21.66 -4.14 6.15
C ILE B 247 20.53 -5.11 5.85
N ILE B 248 20.90 -6.27 5.30
CA ILE B 248 19.93 -7.31 5.00
C ILE B 248 19.95 -8.25 6.21
N PHE B 249 18.77 -8.69 6.65
CA PHE B 249 18.71 -9.56 7.82
C PHE B 249 17.38 -10.32 7.91
N PRO B 250 17.43 -11.58 8.40
CA PRO B 250 16.23 -12.41 8.54
C PRO B 250 15.04 -11.67 9.10
N ALA B 251 13.91 -11.75 8.39
CA ALA B 251 12.68 -11.08 8.82
C ALA B 251 12.31 -11.48 10.24
N THR B 252 12.21 -10.49 11.12
CA THR B 252 11.87 -10.74 12.52
C THR B 252 10.46 -10.23 12.84
N GLY B 253 9.92 -9.40 11.95
CA GLY B 253 8.60 -8.86 12.19
C GLY B 253 8.63 -7.76 13.22
N ASN B 254 9.83 -7.22 13.43
CA ASN B 254 10.02 -6.13 14.39
C ASN B 254 10.08 -4.78 13.69
N PRO B 255 9.78 -3.69 14.42
CA PRO B 255 9.79 -2.32 13.89
C PRO B 255 11.07 -1.87 13.20
N ASN B 256 12.22 -2.37 13.65
CA ASN B 256 13.50 -1.98 13.07
C ASN B 256 13.67 -2.51 11.64
N GLN B 257 12.62 -3.14 11.12
CA GLN B 257 12.63 -3.69 9.77
C GLN B 257 11.47 -3.09 8.98
N GLN B 258 10.70 -2.25 9.64
CA GLN B 258 9.55 -1.60 9.01
C GLN B 258 9.95 -0.32 8.28
N TRP B 259 9.27 -0.07 7.16
CA TRP B 259 9.53 1.11 6.34
C TRP B 259 8.23 1.64 5.76
N ARG B 260 8.08 2.97 5.77
CA ARG B 260 6.88 3.60 5.24
C ARG B 260 7.24 4.55 4.10
N THR B 261 6.70 4.30 2.91
CA THR B 261 6.97 5.13 1.75
C THR B 261 5.97 6.28 1.65
N GLN B 262 6.41 7.47 2.05
CA GLN B 262 5.55 8.64 2.01
C GLN B 262 5.75 9.45 0.73
N VAL B 263 4.64 9.94 0.18
CA VAL B 263 4.62 10.73 -1.05
C VAL B 263 5.70 11.83 -1.11
N PRO B 264 5.69 12.66 -2.18
CA PRO B 264 6.66 13.74 -2.37
C PRO B 264 7.44 14.17 -1.13
#